data_8W2S
#
_entry.id   8W2S
#
_cell.length_a   1.00
_cell.length_b   1.00
_cell.length_c   1.00
_cell.angle_alpha   90.00
_cell.angle_beta   90.00
_cell.angle_gamma   90.00
#
_symmetry.space_group_name_H-M   'P 1'
#
loop_
_entity.id
_entity.type
_entity.pdbx_description
1 polymer 'HNH nuclease domain-containing protein'
2 polymer sgRNA
#
loop_
_entity_poly.entity_id
_entity_poly.type
_entity_poly.pdbx_seq_one_letter_code
_entity_poly.pdbx_strand_id
1 'polypeptide(L)'
;MERELVLGIDYGGKYTGLAVVDRRHNQVLYANRLKMRDDVAGILKDRRKQRGIRRTAQTKKKRLRELKNYLKSIGYNEST
ATFETVYSLAHKRGYDYADMPEEKTSEEIEAMDVEERKQWEKEKQEWEETKRNSRHRKEVVKDVHKAMIEGRATEEQIKR
VERIFNKQYRPKRFNNRILTKCKVEDCGVNTPLRKNVRDLLIENIVRFFPIEQSEKDNLKDAVLDKNRREEVKSFFRKHK
TDEHIRKQVYDIADNKLSGRTVFCKEHILEHTEHSKEERKVFRLAPSLKTKIENVLAVIKDEILPKFTVNKVVMESNNFD
IAAKTQGKKRLAKEEYGKGPREGKETRKEALLRETDGRCIYCGKSIDISNAHDDHIFPRKAGGLNIFANLVACCAVCNEN
KKGRTPLESGISPKPEIIAFMKNDLKKKILEDARNINTVDFNKYMSHASIGWRYMRDRLRESAGNKKLPIERQSGIYTAY
FRRWWGFKKERGNTLHHALDAVILASRKGYSDDGLVDMTLKPKYNKGGEFDPEKHLPEPIEFKMDKGSRGSALHDRNPLS
YKKGIITRRFMVTEIECGKEDDVISETYREKLKEAFKRFDTKKGKCLTDKEAKEAGFCIKKNELVMSLKCSIKGTGPGQM
IRINNNVFKTNVHNVGVDVYLDEKGKKKAYERKNPRLSKHFIEPPPQPNGRVSFTLKRRDMVTVEGEDAIYRIKKLGTSP
TIEAVVGSDGKTRTVSATKLTKANSAEIEQSEKDNLKDAVLDKNRREEVKSFFRKHKTDEHIRKQVYDIADNKLSGRTVF
CKEHILSRGSALHDRNPLSYKKGIITRRFMVTEIECGKEDDVISETYREKLKEAFKRFDTKKGKCLTDKEAKEAGFCIKK
NELVMSLKCSIKGTGPGQMIRINNNVFKTNVHNV(UNK)(UNK)(UNK)(UNK)(UNK)(UNK)(UNK)(UNK)(UNK)
(UNK)(UNK)(UNK)(UNK)(UNK)(UNK)(UNK)RKNPRLSKHFIE
;
A
2 'polyribonucleotide'
;GACGCAUAAAGAUGAGACGCGUUACAGUUAAGGCUCUGAAAAGAGCCUUAAUUGUAAAACGCCUAUACAGUGAAGGGAUA
UACGCUUGGGUUUGUCCAGCCUGAGCCUCUAUGCCAGAAAUGGCGCCUUCAUCGUGGGUUAGGACAUUUAAUUUUUUU
;
B
#
# COMPACT_ATOMS: atom_id res chain seq x y z
N ILE A 43 -13.89 -3.21 -12.46
CA ILE A 43 -13.14 -2.48 -11.45
C ILE A 43 -11.64 -2.82 -11.61
N LEU A 44 -10.81 -1.78 -11.66
CA LEU A 44 -9.39 -1.93 -11.91
C LEU A 44 -8.54 -1.70 -10.66
N LYS A 45 -9.16 -1.60 -9.48
CA LYS A 45 -8.40 -1.37 -8.26
C LYS A 45 -7.53 -2.57 -7.91
N ASP A 46 -8.06 -3.78 -8.07
CA ASP A 46 -7.25 -4.97 -7.86
C ASP A 46 -6.17 -5.11 -8.92
N ARG A 47 -6.44 -4.64 -10.14
CA ARG A 47 -5.41 -4.59 -11.17
C ARG A 47 -4.29 -3.64 -10.77
N ARG A 48 -4.65 -2.50 -10.18
CA ARG A 48 -3.64 -1.54 -9.72
C ARG A 48 -2.82 -2.14 -8.57
N LYS A 49 -3.47 -2.87 -7.67
CA LYS A 49 -2.76 -3.51 -6.56
C LYS A 49 -1.78 -4.57 -7.07
N GLN A 50 -2.22 -5.39 -8.02
CA GLN A 50 -1.33 -6.40 -8.60
C GLN A 50 -0.21 -5.75 -9.39
N ARG A 51 -0.50 -4.64 -10.06
CA ARG A 51 0.52 -3.86 -10.76
C ARG A 51 1.59 -3.36 -9.80
N GLY A 52 1.16 -2.84 -8.65
CA GLY A 52 2.10 -2.34 -7.66
C GLY A 52 2.97 -3.44 -7.08
N ILE A 53 2.37 -4.60 -6.79
CA ILE A 53 3.12 -5.73 -6.26
C ILE A 53 4.15 -6.21 -7.30
N ARG A 54 3.72 -6.30 -8.56
CA ARG A 54 4.60 -6.74 -9.64
C ARG A 54 5.79 -5.79 -9.81
N ARG A 55 5.52 -4.49 -9.86
CA ARG A 55 6.59 -3.53 -10.10
C ARG A 55 7.52 -3.40 -8.90
N THR A 56 6.98 -3.52 -7.68
CA THR A 56 7.83 -3.53 -6.50
C THR A 56 8.76 -4.73 -6.48
N ALA A 57 8.23 -5.92 -6.83
CA ALA A 57 9.07 -7.10 -6.89
C ALA A 57 10.13 -6.97 -7.97
N GLN A 58 9.77 -6.40 -9.12
CA GLN A 58 10.75 -6.20 -10.18
C GLN A 58 11.85 -5.23 -9.76
N THR A 59 11.49 -4.15 -9.06
CA THR A 59 12.50 -3.20 -8.60
C THR A 59 13.42 -3.83 -7.56
N LYS A 60 12.87 -4.65 -6.66
CA LYS A 60 13.70 -5.38 -5.72
C LYS A 60 14.66 -6.32 -6.44
N LYS A 61 14.17 -6.98 -7.50
CA LYS A 61 15.05 -7.82 -8.33
C LYS A 61 16.19 -7.00 -8.93
N LYS A 62 15.88 -5.80 -9.44
CA LYS A 62 16.91 -4.96 -10.05
C LYS A 62 17.97 -4.55 -9.03
N ARG A 63 17.55 -4.15 -7.83
CA ARG A 63 18.56 -3.69 -6.88
C ARG A 63 19.35 -4.83 -6.27
N LEU A 64 18.73 -6.01 -6.10
CA LEU A 64 19.51 -7.16 -5.66
C LEU A 64 20.51 -7.59 -6.72
N ARG A 65 20.13 -7.52 -8.00
CA ARG A 65 21.07 -7.84 -9.06
C ARG A 65 22.23 -6.86 -9.10
N GLU A 66 21.94 -5.56 -8.94
CA GLU A 66 23.02 -4.57 -8.96
C GLU A 66 23.94 -4.71 -7.75
N LEU A 67 23.38 -4.98 -6.57
CA LEU A 67 24.22 -5.17 -5.39
C LEU A 67 25.06 -6.44 -5.52
N LYS A 68 24.47 -7.51 -6.06
CA LYS A 68 25.22 -8.74 -6.30
C LYS A 68 26.38 -8.51 -7.26
N ASN A 69 26.11 -7.81 -8.36
CA ASN A 69 27.15 -7.53 -9.35
C ASN A 69 28.25 -6.66 -8.77
N TYR A 70 27.89 -5.65 -7.97
CA TYR A 70 28.91 -4.76 -7.44
C TYR A 70 29.76 -5.44 -6.37
N LEU A 71 29.13 -6.23 -5.49
CA LEU A 71 29.91 -6.95 -4.49
C LEU A 71 30.76 -8.05 -5.12
N LYS A 72 30.31 -8.65 -6.23
CA LYS A 72 31.19 -9.54 -6.97
C LYS A 72 32.35 -8.78 -7.59
N SER A 73 32.10 -7.57 -8.09
CA SER A 73 33.13 -6.76 -8.71
C SER A 73 34.16 -6.25 -7.71
N ILE A 74 33.79 -6.15 -6.43
CA ILE A 74 34.76 -5.76 -5.41
C ILE A 74 35.84 -6.82 -5.27
N GLY A 75 35.45 -8.08 -5.23
CA GLY A 75 36.41 -9.16 -5.13
C GLY A 75 35.98 -10.34 -4.29
N TYR A 76 35.08 -10.12 -3.34
CA TYR A 76 34.52 -11.20 -2.53
C TYR A 76 33.12 -11.55 -3.05
N ASN A 77 33.01 -12.74 -3.64
CA ASN A 77 31.75 -13.18 -4.27
C ASN A 77 30.81 -13.82 -3.26
N GLU A 78 31.21 -14.96 -2.69
CA GLU A 78 30.41 -15.71 -1.75
C GLU A 78 31.32 -16.27 -0.67
N SER A 79 30.69 -16.90 0.33
CA SER A 79 31.36 -17.52 1.48
C SER A 79 32.21 -16.51 2.26
N THR A 80 31.83 -15.24 2.21
CA THR A 80 32.47 -14.18 2.96
C THR A 80 31.38 -13.37 3.62
N ALA A 81 31.38 -13.35 4.96
CA ALA A 81 30.19 -12.99 5.74
C ALA A 81 29.73 -11.56 5.52
N THR A 82 30.57 -10.71 4.91
CA THR A 82 30.10 -9.39 4.50
C THR A 82 29.00 -9.50 3.45
N PHE A 83 29.16 -10.41 2.49
CA PHE A 83 28.20 -10.51 1.40
C PHE A 83 26.84 -10.98 1.89
N GLU A 84 26.82 -12.03 2.73
CA GLU A 84 25.54 -12.53 3.23
C GLU A 84 24.83 -11.48 4.09
N THR A 85 25.58 -10.76 4.92
CA THR A 85 24.99 -9.75 5.79
C THR A 85 24.41 -8.60 4.98
N VAL A 86 25.20 -8.03 4.05
CA VAL A 86 24.72 -6.90 3.27
C VAL A 86 23.59 -7.30 2.34
N TYR A 87 23.69 -8.49 1.72
CA TYR A 87 22.67 -8.95 0.80
C TYR A 87 21.36 -9.23 1.54
N SER A 88 21.43 -9.84 2.73
CA SER A 88 20.23 -10.07 3.52
C SER A 88 19.66 -8.77 4.08
N LEU A 89 20.50 -7.75 4.28
CA LEU A 89 19.96 -6.44 4.64
C LEU A 89 19.23 -5.79 3.47
N ALA A 90 19.71 -6.02 2.25
CA ALA A 90 19.15 -5.36 1.08
C ALA A 90 17.71 -5.76 0.78
N HIS A 91 17.25 -6.87 1.33
CA HIS A 91 15.85 -7.26 1.11
C HIS A 91 14.90 -6.36 1.88
N LYS A 92 15.36 -5.79 3.00
CA LYS A 92 14.51 -5.09 3.96
C LYS A 92 15.10 -3.70 4.23
N ARG A 93 15.36 -2.95 3.16
CA ARG A 93 16.23 -1.77 3.17
C ARG A 93 15.65 -0.55 3.90
N GLY A 94 14.37 -0.50 4.19
CA GLY A 94 13.82 0.60 4.99
C GLY A 94 13.04 1.62 4.18
N TYR A 95 12.52 2.62 4.90
CA TYR A 95 11.44 3.47 4.41
C TYR A 95 11.68 4.97 4.66
N ASP A 96 12.93 5.44 4.47
CA ASP A 96 13.29 6.83 4.78
C ASP A 96 12.51 7.85 3.94
N TYR A 97 12.10 7.45 2.74
CA TYR A 97 11.52 8.39 1.76
C TYR A 97 10.22 9.02 2.25
N ALA A 98 9.47 8.31 3.08
CA ALA A 98 8.19 8.79 3.59
C ALA A 98 8.19 8.80 5.11
N ASP A 99 9.26 9.31 5.71
CA ASP A 99 9.32 9.42 7.16
C ASP A 99 8.31 10.46 7.64
N MET A 100 7.50 10.08 8.61
CA MET A 100 6.35 10.85 9.07
C MET A 100 5.43 11.26 7.92
N PRO A 101 4.81 10.29 7.24
CA PRO A 101 4.00 10.62 6.05
C PRO A 101 2.62 11.17 6.42
N GLU A 102 2.24 12.26 5.74
CA GLU A 102 0.97 12.96 5.94
C GLU A 102 0.79 13.41 7.39
N GLU A 103 1.67 14.31 7.81
CA GLU A 103 1.54 14.93 9.12
C GLU A 103 0.28 15.79 9.18
N LYS A 104 -0.43 15.70 10.31
CA LYS A 104 -1.74 16.33 10.40
C LYS A 104 -2.02 16.67 11.85
N THR A 105 -2.80 17.73 12.06
CA THR A 105 -3.19 18.18 13.39
C THR A 105 -4.63 17.76 13.68
N SER A 106 -4.96 17.74 14.98
CA SER A 106 -6.24 17.19 15.42
C SER A 106 -7.41 18.08 15.02
N GLU A 107 -7.20 19.39 14.94
CA GLU A 107 -8.26 20.29 14.46
C GLU A 107 -8.55 20.05 12.99
N GLU A 108 -7.57 19.56 12.23
CA GLU A 108 -7.82 19.17 10.85
C GLU A 108 -8.53 17.82 10.78
N ILE A 109 -8.22 16.90 11.70
CA ILE A 109 -8.90 15.60 11.75
C ILE A 109 -10.38 15.79 12.04
N GLU A 110 -10.72 16.80 12.85
CA GLU A 110 -12.11 17.15 13.11
C GLU A 110 -12.80 17.81 11.92
N ALA A 111 -12.07 18.14 10.86
CA ALA A 111 -12.59 19.00 9.80
C ALA A 111 -13.08 18.25 8.57
N MET A 112 -12.38 17.22 8.10
CA MET A 112 -12.68 16.70 6.78
C MET A 112 -13.90 15.76 6.81
N ASP A 113 -14.19 15.19 5.63
CA ASP A 113 -15.34 14.32 5.41
C ASP A 113 -15.06 12.93 5.97
N VAL A 114 -16.09 12.08 5.96
CA VAL A 114 -15.99 10.72 6.49
C VAL A 114 -15.01 9.88 5.67
N GLU A 115 -15.08 10.00 4.33
CA GLU A 115 -14.20 9.23 3.47
C GLU A 115 -12.73 9.59 3.69
N GLU A 116 -12.42 10.89 3.78
CA GLU A 116 -11.05 11.32 3.97
C GLU A 116 -10.52 10.96 5.35
N ARG A 117 -11.37 11.02 6.39
CA ARG A 117 -10.87 10.65 7.71
C ARG A 117 -10.73 9.14 7.87
N LYS A 118 -11.58 8.35 7.20
CA LYS A 118 -11.35 6.90 7.17
C LYS A 118 -10.07 6.57 6.41
N GLN A 119 -9.80 7.30 5.34
CA GLN A 119 -8.56 7.10 4.59
C GLN A 119 -7.35 7.50 5.43
N TRP A 120 -7.45 8.57 6.22
CA TRP A 120 -6.34 8.95 7.09
C TRP A 120 -6.14 7.96 8.23
N GLU A 121 -7.23 7.39 8.76
CA GLU A 121 -7.09 6.33 9.75
C GLU A 121 -6.43 5.10 9.14
N LYS A 122 -6.74 4.82 7.87
CA LYS A 122 -6.05 3.75 7.15
C LYS A 122 -4.56 4.04 7.00
N GLU A 123 -4.21 5.29 6.70
CA GLU A 123 -2.80 5.67 6.60
C GLU A 123 -2.09 5.53 7.94
N LYS A 124 -2.75 5.94 9.03
CA LYS A 124 -2.14 5.86 10.35
C LYS A 124 -1.94 4.39 10.75
N GLN A 125 -2.93 3.54 10.47
CA GLN A 125 -2.79 2.11 10.76
C GLN A 125 -1.72 1.47 9.88
N GLU A 126 -1.60 1.91 8.63
CA GLU A 126 -0.55 1.42 7.75
C GLU A 126 0.83 1.80 8.27
N TRP A 127 0.98 3.05 8.74
CA TRP A 127 2.25 3.48 9.33
C TRP A 127 2.58 2.68 10.58
N GLU A 128 1.58 2.45 11.44
CA GLU A 128 1.82 1.69 12.66
C GLU A 128 2.17 0.24 12.36
N GLU A 129 1.53 -0.35 11.34
CA GLU A 129 1.76 -1.75 11.03
C GLU A 129 3.12 -1.96 10.38
N THR A 130 3.56 -1.01 9.54
CA THR A 130 4.85 -1.14 8.89
C THR A 130 6.00 -0.96 9.88
N LYS A 131 5.88 0.03 10.78
CA LYS A 131 6.98 0.37 11.68
C LYS A 131 7.35 -0.74 12.64
N ARG A 132 6.44 -1.68 12.90
CA ARG A 132 6.78 -2.86 13.69
C ARG A 132 7.69 -3.82 12.94
N ASN A 133 7.64 -3.81 11.59
CA ASN A 133 8.50 -4.65 10.78
C ASN A 133 9.45 -3.86 9.91
N SER A 134 9.13 -2.63 9.54
CA SER A 134 10.08 -1.79 8.83
C SER A 134 11.02 -1.10 9.82
N ARG A 135 12.24 -0.87 9.38
CA ARG A 135 13.19 -0.02 10.08
C ARG A 135 13.37 1.24 9.25
N HIS A 136 13.69 2.33 9.93
CA HIS A 136 14.07 3.52 9.17
C HIS A 136 15.42 3.26 8.54
N ARG A 137 15.64 3.84 7.35
CA ARG A 137 16.79 3.46 6.55
C ARG A 137 18.12 3.82 7.20
N LYS A 138 18.17 4.84 8.05
CA LYS A 138 19.42 5.24 8.68
C LYS A 138 19.90 4.16 9.66
N GLU A 139 18.97 3.37 10.18
CA GLU A 139 19.36 2.16 10.89
C GLU A 139 19.97 1.13 9.94
N VAL A 140 19.30 0.86 8.82
CA VAL A 140 19.78 -0.14 7.86
C VAL A 140 21.13 0.28 7.29
N VAL A 141 21.30 1.59 7.06
CA VAL A 141 22.61 2.14 6.71
C VAL A 141 23.62 1.84 7.81
N LYS A 142 23.19 1.87 9.08
CA LYS A 142 24.13 1.60 10.16
C LYS A 142 24.57 0.13 10.20
N ASP A 143 23.64 -0.82 9.95
CA ASP A 143 24.11 -2.21 9.88
C ASP A 143 24.98 -2.45 8.64
N VAL A 144 24.67 -1.78 7.52
CA VAL A 144 25.52 -1.89 6.34
C VAL A 144 26.92 -1.36 6.64
N HIS A 145 27.00 -0.23 7.35
CA HIS A 145 28.29 0.33 7.74
C HIS A 145 29.05 -0.60 8.67
N LYS A 146 28.35 -1.20 9.64
CA LYS A 146 28.98 -2.13 10.58
C LYS A 146 29.55 -3.34 9.84
N ALA A 147 28.75 -3.92 8.93
CA ALA A 147 29.20 -5.10 8.19
C ALA A 147 30.37 -4.76 7.27
N MET A 148 30.33 -3.61 6.61
CA MET A 148 31.39 -3.29 5.66
C MET A 148 32.67 -2.85 6.36
N ILE A 149 32.57 -2.24 7.54
CA ILE A 149 33.75 -1.94 8.34
C ILE A 149 34.37 -3.24 8.87
N GLU A 150 33.53 -4.21 9.24
CA GLU A 150 34.05 -5.51 9.66
C GLU A 150 34.80 -6.21 8.54
N GLY A 151 34.48 -5.91 7.28
CA GLY A 151 35.18 -6.49 6.15
C GLY A 151 36.29 -5.61 5.60
N ARG A 152 36.73 -4.64 6.41
CA ARG A 152 37.85 -3.71 6.14
C ARG A 152 37.79 -3.10 4.73
N ALA A 153 36.58 -2.74 4.31
CA ALA A 153 36.39 -2.10 3.02
C ALA A 153 36.63 -0.60 3.11
N THR A 154 36.68 0.05 1.95
CA THR A 154 36.96 1.48 1.88
C THR A 154 35.67 2.30 1.98
N GLU A 155 35.84 3.60 2.25
CA GLU A 155 34.71 4.49 2.39
C GLU A 155 34.00 4.73 1.06
N GLU A 156 34.77 4.73 -0.04
CA GLU A 156 34.16 4.88 -1.37
C GLU A 156 33.24 3.71 -1.68
N GLN A 157 33.65 2.50 -1.32
CA GLN A 157 32.79 1.33 -1.51
C GLN A 157 31.54 1.43 -0.65
N ILE A 158 31.69 1.95 0.57
CA ILE A 158 30.54 2.12 1.46
C ILE A 158 29.54 3.12 0.87
N LYS A 159 30.04 4.24 0.34
CA LYS A 159 29.17 5.21 -0.31
C LYS A 159 28.53 4.66 -1.57
N ARG A 160 29.24 3.79 -2.30
CA ARG A 160 28.66 3.19 -3.49
C ARG A 160 27.54 2.22 -3.14
N VAL A 161 27.74 1.41 -2.10
CA VAL A 161 26.67 0.53 -1.62
C VAL A 161 25.51 1.35 -1.09
N GLU A 162 25.79 2.50 -0.47
CA GLU A 162 24.74 3.42 -0.05
C GLU A 162 23.95 3.94 -1.23
N ARG A 163 24.64 4.25 -2.33
CA ARG A 163 23.95 4.66 -3.56
C ARG A 163 23.06 3.56 -4.10
N ILE A 164 23.56 2.31 -4.10
CA ILE A 164 22.76 1.19 -4.59
C ILE A 164 21.53 0.98 -3.71
N PHE A 165 21.68 1.15 -2.40
CA PHE A 165 20.55 1.02 -1.49
C PHE A 165 19.52 2.13 -1.71
N ASN A 166 19.98 3.36 -1.96
CA ASN A 166 19.09 4.50 -2.08
C ASN A 166 18.63 4.78 -3.50
N LYS A 167 19.13 4.04 -4.50
CA LYS A 167 18.85 4.38 -5.89
C LYS A 167 17.39 4.10 -6.23
N GLN A 168 16.75 5.06 -6.88
CA GLN A 168 15.39 4.90 -7.37
C GLN A 168 15.44 4.41 -8.81
N TYR A 169 14.76 3.30 -9.09
CA TYR A 169 14.87 2.66 -10.40
C TYR A 169 13.79 3.14 -11.35
N ARG A 170 12.53 2.94 -10.99
CA ARG A 170 11.43 3.50 -11.76
C ARG A 170 11.10 4.87 -11.20
N PRO A 171 11.28 5.95 -11.97
CA PRO A 171 11.21 7.29 -11.39
C PRO A 171 9.79 7.67 -10.98
N LYS A 172 9.69 8.45 -9.90
CA LYS A 172 8.41 8.82 -9.30
C LYS A 172 8.06 9.87 -10.36
N ARG A 173 7.05 9.54 -11.16
CA ARG A 173 6.54 10.45 -12.18
C ARG A 173 5.05 10.41 -11.80
N PHE A 174 4.61 11.43 -11.08
CA PHE A 174 3.27 11.41 -10.48
C PHE A 174 2.49 12.72 -10.61
N ASN A 175 3.14 13.86 -10.83
CA ASN A 175 2.49 15.16 -10.65
C ASN A 175 1.43 15.43 -11.71
N ASN A 176 1.70 15.09 -12.96
CA ASN A 176 0.82 15.45 -14.06
C ASN A 176 0.23 14.21 -14.71
N ARG A 177 -0.28 13.29 -13.89
CA ARG A 177 -0.65 11.98 -14.42
C ARG A 177 -2.06 11.95 -14.99
N ILE A 178 -3.04 12.43 -14.24
CA ILE A 178 -4.42 12.43 -14.74
C ILE A 178 -4.57 13.57 -15.73
N LEU A 179 -5.09 13.26 -16.92
CA LEU A 179 -5.21 14.27 -17.96
C LEU A 179 -6.65 14.48 -18.37
N THR A 180 -7.55 14.60 -17.38
CA THR A 180 -8.93 15.01 -17.65
C THR A 180 -8.92 16.38 -18.30
N LYS A 181 -9.27 16.43 -19.58
CA LYS A 181 -9.02 17.63 -20.37
C LYS A 181 -10.29 18.16 -21.01
N CYS A 182 -10.42 19.48 -20.96
CA CYS A 182 -11.19 20.26 -21.92
C CYS A 182 -10.25 21.22 -22.63
N LYS A 183 -9.04 20.75 -22.90
CA LYS A 183 -8.02 21.58 -23.54
C LYS A 183 -8.46 22.00 -24.94
N VAL A 184 -9.10 21.09 -25.67
CA VAL A 184 -9.92 21.52 -26.80
C VAL A 184 -11.14 22.24 -26.22
N GLU A 185 -11.35 23.48 -26.65
CA GLU A 185 -12.22 24.39 -25.91
C GLU A 185 -13.70 24.08 -26.03
N ASP A 186 -14.10 23.23 -26.98
CA ASP A 186 -15.51 22.90 -27.15
C ASP A 186 -16.00 21.95 -26.06
N LYS A 195 -4.42 22.96 -7.70
CA LYS A 195 -3.68 23.68 -6.66
C LYS A 195 -2.97 24.89 -7.25
N ASN A 196 -2.89 24.94 -8.57
CA ASN A 196 -2.25 26.04 -9.28
C ASN A 196 -3.26 27.00 -9.87
N VAL A 197 -4.51 26.94 -9.40
CA VAL A 197 -5.61 27.73 -9.94
C VAL A 197 -6.31 28.46 -8.79
N ARG A 198 -5.56 28.65 -7.69
CA ARG A 198 -6.05 29.26 -6.45
C ARG A 198 -6.75 30.61 -6.48
N ASP A 199 -6.25 31.52 -7.35
CA ASP A 199 -6.74 32.90 -7.36
C ASP A 199 -7.95 32.88 -8.28
N LEU A 200 -7.88 32.11 -9.37
CA LEU A 200 -9.03 31.98 -10.26
C LEU A 200 -10.20 31.34 -9.54
N LEU A 201 -9.95 30.31 -8.74
CA LEU A 201 -11.03 29.60 -8.04
C LEU A 201 -11.71 30.49 -7.01
N ILE A 202 -10.94 31.23 -6.21
CA ILE A 202 -11.59 32.12 -5.25
C ILE A 202 -12.25 33.28 -5.97
N GLU A 203 -11.77 33.64 -7.16
CA GLU A 203 -12.46 34.65 -7.95
C GLU A 203 -13.83 34.14 -8.39
N ASN A 204 -13.92 32.87 -8.79
CA ASN A 204 -15.23 32.31 -9.13
C ASN A 204 -16.14 32.21 -7.92
N ILE A 205 -15.59 31.91 -6.74
CA ILE A 205 -16.43 31.78 -5.56
C ILE A 205 -16.95 33.14 -5.10
N VAL A 206 -16.08 34.14 -5.01
CA VAL A 206 -16.42 35.41 -4.40
C VAL A 206 -17.24 36.31 -5.32
N ARG A 207 -17.20 36.08 -6.64
CA ARG A 207 -17.83 36.99 -7.61
C ARG A 207 -19.34 37.10 -7.45
N PHE A 208 -19.99 36.15 -6.79
CA PHE A 208 -21.44 36.18 -6.59
C PHE A 208 -21.84 36.89 -5.31
N PHE A 209 -20.88 37.39 -4.53
CA PHE A 209 -21.22 38.16 -3.34
C PHE A 209 -21.73 39.54 -3.75
N PRO A 210 -22.72 40.09 -3.04
CA PRO A 210 -23.31 41.36 -3.47
C PRO A 210 -22.43 42.57 -3.22
N ILE A 211 -21.39 42.47 -2.38
CA ILE A 211 -20.57 43.63 -2.06
C ILE A 211 -19.65 44.00 -3.21
N GLU A 212 -19.07 45.20 -3.13
CA GLU A 212 -18.34 45.82 -4.22
C GLU A 212 -16.94 45.22 -4.33
N GLN A 213 -16.30 45.46 -5.49
CA GLN A 213 -15.11 44.71 -5.89
C GLN A 213 -13.92 44.88 -4.95
N SER A 214 -13.80 46.03 -4.26
CA SER A 214 -12.59 46.28 -3.47
C SER A 214 -12.50 45.33 -2.28
N GLU A 215 -13.61 45.15 -1.55
CA GLU A 215 -13.58 44.16 -0.47
C GLU A 215 -13.51 42.74 -1.00
N LYS A 216 -13.90 42.50 -2.27
CA LYS A 216 -13.59 41.21 -2.87
C LYS A 216 -12.09 41.00 -3.01
N ASP A 217 -11.36 42.05 -3.42
CA ASP A 217 -9.90 41.94 -3.49
C ASP A 217 -9.28 41.77 -2.10
N ASN A 218 -9.81 42.48 -1.09
CA ASN A 218 -9.31 42.28 0.27
C ASN A 218 -9.60 40.88 0.80
N LEU A 219 -10.77 40.32 0.48
CA LEU A 219 -11.07 38.94 0.85
C LEU A 219 -10.14 37.96 0.13
N LYS A 220 -9.86 38.23 -1.14
CA LYS A 220 -8.92 37.40 -1.91
C LYS A 220 -7.53 37.44 -1.28
N ASP A 221 -7.05 38.64 -0.92
CA ASP A 221 -5.75 38.78 -0.30
C ASP A 221 -5.72 38.15 1.09
N ALA A 222 -6.86 38.15 1.79
CA ALA A 222 -6.91 37.51 3.10
C ALA A 222 -6.86 35.99 2.96
N VAL A 223 -7.49 35.43 1.93
CA VAL A 223 -7.56 33.97 1.84
C VAL A 223 -6.32 33.37 1.17
N LEU A 224 -5.64 34.11 0.28
CA LEU A 224 -4.42 33.52 -0.30
C LEU A 224 -3.26 33.52 0.69
N ASP A 225 -3.28 34.44 1.65
CA ASP A 225 -2.27 34.49 2.70
C ASP A 225 -2.73 33.61 3.86
N LYS A 226 -1.80 32.84 4.41
CA LYS A 226 -2.14 31.90 5.48
C LYS A 226 -2.29 32.59 6.84
N ASN A 227 -1.84 33.83 6.99
CA ASN A 227 -1.92 34.50 8.27
C ASN A 227 -3.32 35.02 8.59
N ARG A 228 -4.10 35.35 7.56
CA ARG A 228 -5.31 36.14 7.73
C ARG A 228 -6.59 35.31 7.76
N ARG A 229 -6.50 34.05 8.22
CA ARG A 229 -7.67 33.18 8.22
C ARG A 229 -8.75 33.66 9.20
N GLU A 230 -8.33 34.16 10.36
CA GLU A 230 -9.30 34.67 11.34
C GLU A 230 -10.07 35.87 10.78
N GLU A 231 -9.44 36.65 9.90
CA GLU A 231 -10.13 37.72 9.22
C GLU A 231 -11.20 37.18 8.27
N VAL A 232 -10.92 36.04 7.64
CA VAL A 232 -11.93 35.38 6.81
C VAL A 232 -13.09 34.90 7.66
N LYS A 233 -12.81 34.34 8.85
CA LYS A 233 -13.90 34.03 9.78
C LYS A 233 -14.67 35.30 10.19
N SER A 234 -13.98 36.44 10.28
CA SER A 234 -14.64 37.68 10.65
C SER A 234 -15.68 38.11 9.60
N PHE A 235 -15.27 38.20 8.33
CA PHE A 235 -16.29 38.49 7.32
C PHE A 235 -17.27 37.35 7.14
N PHE A 236 -16.89 36.12 7.46
CA PHE A 236 -17.76 35.00 7.19
C PHE A 236 -18.87 34.92 8.22
N ARG A 237 -18.59 35.39 9.44
CA ARG A 237 -19.65 35.67 10.41
C ARG A 237 -20.42 36.94 10.04
N LYS A 238 -19.73 37.91 9.43
CA LYS A 238 -20.39 39.16 9.08
C LYS A 238 -21.50 38.97 8.05
N HIS A 239 -21.26 38.16 7.02
CA HIS A 239 -22.26 37.87 6.00
C HIS A 239 -22.57 36.39 6.04
N LYS A 240 -23.85 36.05 6.18
CA LYS A 240 -24.29 34.68 6.42
C LYS A 240 -24.67 34.02 5.10
N THR A 241 -23.79 33.13 4.62
CA THR A 241 -24.01 32.32 3.43
C THR A 241 -24.24 30.85 3.83
N ASP A 242 -24.27 29.99 2.82
CA ASP A 242 -24.49 28.55 3.04
C ASP A 242 -23.25 27.92 3.69
N GLU A 243 -23.47 26.78 4.38
CA GLU A 243 -22.36 26.05 4.98
C GLU A 243 -21.50 25.37 3.92
N HIS A 244 -22.09 25.11 2.74
CA HIS A 244 -21.30 24.69 1.59
C HIS A 244 -20.27 25.75 1.23
N ILE A 245 -20.57 27.01 1.47
CA ILE A 245 -19.61 28.07 1.18
C ILE A 245 -18.44 28.03 2.15
N ARG A 246 -18.69 27.77 3.46
CA ARG A 246 -17.56 27.58 4.36
C ARG A 246 -16.70 26.39 3.95
N LYS A 247 -17.31 25.22 3.71
CA LYS A 247 -16.47 24.05 3.43
C LYS A 247 -15.72 24.21 2.12
N GLN A 248 -16.34 24.83 1.11
CA GLN A 248 -15.66 25.07 -0.16
C GLN A 248 -14.51 26.05 0.00
N VAL A 249 -14.77 27.23 0.58
CA VAL A 249 -13.75 28.28 0.68
C VAL A 249 -12.58 27.81 1.53
N TYR A 250 -12.86 27.14 2.65
CA TYR A 250 -11.77 26.65 3.46
C TYR A 250 -11.16 25.38 2.89
N ASP A 251 -11.77 24.78 1.85
CA ASP A 251 -11.09 23.76 1.08
C ASP A 251 -10.05 24.37 0.13
N ILE A 252 -10.36 25.50 -0.52
CA ILE A 252 -9.27 26.15 -1.25
C ILE A 252 -8.22 26.69 -0.27
N ALA A 253 -8.64 27.11 0.92
CA ALA A 253 -7.68 27.58 1.92
C ALA A 253 -6.75 26.46 2.39
N ASP A 254 -7.19 25.20 2.28
CA ASP A 254 -6.35 24.06 2.65
C ASP A 254 -5.83 23.27 1.46
N ASN A 255 -6.10 23.74 0.23
CA ASN A 255 -5.57 23.25 -1.05
C ASN A 255 -5.62 21.73 -1.18
N LYS A 256 -6.85 21.21 -1.19
CA LYS A 256 -7.07 19.81 -1.55
C LYS A 256 -7.07 19.68 -3.07
N LEU A 257 -7.19 18.44 -3.55
CA LEU A 257 -7.13 18.17 -4.99
C LEU A 257 -8.48 18.58 -5.58
N SER A 258 -8.58 19.88 -5.86
CA SER A 258 -9.73 20.44 -6.56
C SER A 258 -9.31 21.29 -7.74
N GLY A 259 -8.02 21.62 -7.86
CA GLY A 259 -7.51 22.46 -8.92
C GLY A 259 -7.28 21.76 -10.24
N ARG A 260 -7.52 20.45 -10.31
CA ARG A 260 -7.41 19.72 -11.57
C ARG A 260 -8.77 19.47 -12.20
N THR A 261 -9.80 19.26 -11.37
CA THR A 261 -11.17 19.12 -11.89
C THR A 261 -11.46 20.57 -12.24
N VAL A 262 -11.39 20.89 -13.53
CA VAL A 262 -11.42 22.26 -14.03
C VAL A 262 -11.51 22.19 -15.54
N PHE A 263 -12.06 23.23 -16.17
CA PHE A 263 -12.05 23.36 -17.62
C PHE A 263 -10.75 24.07 -18.04
N CYS A 264 -10.68 24.49 -19.30
CA CYS A 264 -9.57 25.34 -19.73
C CYS A 264 -9.69 26.72 -19.10
N LYS A 265 -8.54 27.35 -18.85
CA LYS A 265 -8.46 28.54 -17.99
C LYS A 265 -9.29 29.70 -18.54
N GLU A 266 -9.46 29.78 -19.86
CA GLU A 266 -10.21 30.88 -20.44
C GLU A 266 -11.71 30.79 -20.18
N HIS A 267 -12.22 29.61 -19.82
CA HIS A 267 -13.64 29.46 -19.54
C HIS A 267 -13.90 28.85 -18.16
N ILE A 268 -13.00 29.06 -17.20
CA ILE A 268 -13.40 28.92 -15.80
C ILE A 268 -14.43 29.97 -15.44
N LEU A 269 -14.28 31.17 -15.99
CA LEU A 269 -15.25 32.24 -15.80
C LEU A 269 -16.56 31.90 -16.50
N SER A 807 -16.16 -12.64 -17.31
CA SER A 807 -15.12 -13.65 -17.12
C SER A 807 -14.44 -13.99 -18.43
N ARG A 808 -13.29 -14.69 -18.32
CA ARG A 808 -12.47 -15.15 -19.45
C ARG A 808 -11.97 -14.01 -20.32
N GLY A 809 -11.89 -12.79 -19.78
CA GLY A 809 -11.42 -11.66 -20.55
C GLY A 809 -9.92 -11.46 -20.49
N SER A 810 -9.38 -11.26 -19.29
CA SER A 810 -7.95 -10.99 -19.16
C SER A 810 -7.26 -11.87 -18.12
N ALA A 811 -7.92 -12.19 -17.01
CA ALA A 811 -7.28 -12.96 -15.96
C ALA A 811 -7.15 -14.42 -16.35
N LEU A 812 -6.12 -15.06 -15.82
CA LEU A 812 -5.81 -16.46 -16.13
C LEU A 812 -5.97 -17.38 -14.92
N HIS A 813 -5.43 -16.99 -13.77
CA HIS A 813 -5.35 -17.89 -12.63
C HIS A 813 -5.40 -17.09 -11.34
N ASP A 814 -5.44 -17.82 -10.23
CA ASP A 814 -5.54 -17.21 -8.91
C ASP A 814 -4.18 -16.59 -8.54
N ARG A 815 -4.24 -15.60 -7.65
CA ARG A 815 -3.04 -14.84 -7.30
C ARG A 815 -2.09 -15.64 -6.43
N ASN A 816 -2.61 -16.35 -5.43
CA ASN A 816 -1.76 -17.01 -4.43
C ASN A 816 -1.39 -18.41 -4.89
N PRO A 817 -0.11 -18.76 -4.90
CA PRO A 817 0.29 -20.13 -5.21
C PRO A 817 -0.22 -21.12 -4.19
N LEU A 818 -0.52 -22.32 -4.65
CA LEU A 818 -0.93 -23.41 -3.78
C LEU A 818 0.21 -24.42 -3.64
N SER A 819 0.07 -25.31 -2.67
CA SER A 819 1.02 -26.38 -2.43
C SER A 819 0.41 -27.69 -2.91
N TYR A 820 1.15 -28.42 -3.73
CA TYR A 820 0.67 -29.66 -4.33
C TYR A 820 1.78 -30.68 -4.24
N LYS A 821 1.65 -31.62 -3.31
CA LYS A 821 2.65 -32.66 -3.12
C LYS A 821 1.93 -33.97 -2.85
N LYS A 822 2.46 -35.06 -3.44
CA LYS A 822 1.98 -36.44 -3.38
C LYS A 822 0.46 -36.59 -3.44
N GLY A 823 -0.19 -35.79 -4.27
CA GLY A 823 -1.61 -35.95 -4.54
C GLY A 823 -2.55 -35.22 -3.62
N ILE A 824 -2.06 -34.63 -2.53
CA ILE A 824 -2.90 -33.87 -1.61
C ILE A 824 -2.61 -32.39 -1.83
N ILE A 825 -3.67 -31.59 -1.95
CA ILE A 825 -3.59 -30.17 -2.25
C ILE A 825 -3.92 -29.40 -0.98
N THR A 826 -2.97 -28.57 -0.53
CA THR A 826 -3.13 -27.82 0.70
C THR A 826 -2.61 -26.40 0.49
N ARG A 827 -3.10 -25.47 1.31
CA ARG A 827 -2.55 -24.12 1.38
C ARG A 827 -2.54 -23.68 2.84
N ARG A 828 -1.46 -23.01 3.23
CA ARG A 828 -1.31 -22.56 4.60
C ARG A 828 -2.12 -21.28 4.83
N PHE A 829 -2.89 -21.25 5.91
CA PHE A 829 -3.70 -20.11 6.29
C PHE A 829 -3.34 -19.62 7.68
N MET A 830 -3.49 -18.32 7.90
CA MET A 830 -3.45 -17.78 9.24
C MET A 830 -4.70 -18.17 10.01
N VAL A 831 -4.60 -18.17 11.34
CA VAL A 831 -5.70 -18.60 12.19
C VAL A 831 -6.90 -17.66 12.06
N THR A 832 -6.63 -16.36 11.96
CA THR A 832 -7.69 -15.37 11.75
C THR A 832 -8.40 -15.59 10.43
N GLU A 833 -7.65 -15.96 9.39
CA GLU A 833 -8.22 -16.10 8.06
C GLU A 833 -9.09 -17.34 7.92
N ILE A 834 -8.93 -18.33 8.80
CA ILE A 834 -9.74 -19.55 8.71
C ILE A 834 -11.17 -19.24 9.15
N GLU A 835 -12.13 -19.54 8.28
CA GLU A 835 -13.54 -19.30 8.58
C GLU A 835 -14.05 -20.39 9.53
N CYS A 836 -15.04 -20.01 10.35
CA CYS A 836 -15.57 -20.91 11.38
C CYS A 836 -16.28 -22.13 10.79
N GLY A 837 -16.75 -22.04 9.55
CA GLY A 837 -17.35 -23.21 8.92
C GLY A 837 -16.38 -24.20 8.31
N LYS A 838 -15.08 -23.90 8.34
CA LYS A 838 -14.08 -24.70 7.64
C LYS A 838 -13.01 -25.27 8.56
N GLU A 839 -13.31 -25.43 9.85
CA GLU A 839 -12.31 -25.92 10.80
C GLU A 839 -11.95 -27.38 10.57
N ASP A 840 -12.82 -28.17 9.95
CA ASP A 840 -12.52 -29.58 9.70
C ASP A 840 -11.50 -29.76 8.59
N ASP A 841 -11.20 -28.73 7.81
CA ASP A 841 -10.28 -28.84 6.69
C ASP A 841 -8.82 -28.76 7.11
N VAL A 842 -8.53 -28.44 8.36
CA VAL A 842 -7.14 -28.32 8.81
C VAL A 842 -6.51 -29.70 8.90
N ILE A 843 -5.36 -29.87 8.24
CA ILE A 843 -4.69 -31.17 8.22
C ILE A 843 -4.10 -31.49 9.60
N SER A 844 -3.54 -30.48 10.27
CA SER A 844 -2.98 -30.69 11.60
C SER A 844 -4.11 -30.95 12.59
N GLU A 845 -4.14 -32.15 13.16
CA GLU A 845 -5.27 -32.56 13.99
C GLU A 845 -5.30 -31.81 15.31
N THR A 846 -4.15 -31.71 15.99
CA THR A 846 -4.11 -31.13 17.34
C THR A 846 -4.50 -29.65 17.32
N TYR A 847 -4.01 -28.92 16.33
CA TYR A 847 -4.41 -27.52 16.20
C TYR A 847 -5.87 -27.41 15.77
N ARG A 848 -6.42 -28.43 15.10
CA ARG A 848 -7.84 -28.44 14.80
C ARG A 848 -8.67 -28.60 16.07
N GLU A 849 -8.26 -29.49 16.98
CA GLU A 849 -8.94 -29.59 18.27
C GLU A 849 -8.80 -28.30 19.07
N LYS A 850 -7.61 -27.68 19.03
CA LYS A 850 -7.45 -26.44 19.77
C LYS A 850 -8.29 -25.31 19.19
N LEU A 851 -8.48 -25.28 17.87
CA LEU A 851 -9.40 -24.31 17.26
C LEU A 851 -10.84 -24.62 17.64
N LYS A 852 -11.18 -25.91 17.76
CA LYS A 852 -12.53 -26.29 18.17
C LYS A 852 -12.84 -25.82 19.58
N GLU A 853 -11.94 -26.09 20.53
CA GLU A 853 -12.14 -25.58 21.88
C GLU A 853 -11.92 -24.08 21.99
N ALA A 854 -11.26 -23.45 21.01
CA ALA A 854 -11.22 -21.99 20.97
C ALA A 854 -12.58 -21.43 20.58
N PHE A 855 -13.26 -22.07 19.62
CA PHE A 855 -14.61 -21.67 19.28
C PHE A 855 -15.59 -22.01 20.40
N LYS A 856 -15.31 -23.05 21.17
CA LYS A 856 -16.18 -23.41 22.29
C LYS A 856 -15.97 -22.49 23.49
N ARG A 857 -14.72 -22.10 23.77
CA ARG A 857 -14.42 -21.31 24.95
C ARG A 857 -14.95 -19.89 24.83
N PHE A 858 -14.72 -19.25 23.69
CA PHE A 858 -15.16 -17.89 23.44
C PHE A 858 -16.43 -17.90 22.62
N ASP A 859 -17.14 -16.77 22.64
CA ASP A 859 -18.36 -16.65 21.86
C ASP A 859 -18.02 -16.59 20.38
N THR A 860 -18.62 -17.49 19.59
CA THR A 860 -18.33 -17.62 18.18
C THR A 860 -19.59 -17.38 17.37
N LYS A 861 -19.41 -16.84 16.16
CA LYS A 861 -20.50 -16.62 15.22
C LYS A 861 -20.45 -17.81 14.26
N LYS A 862 -21.59 -18.47 14.07
CA LYS A 862 -21.64 -19.75 13.36
C LYS A 862 -21.33 -19.56 11.88
N GLY A 863 -20.16 -20.04 11.46
CA GLY A 863 -19.83 -20.16 10.05
C GLY A 863 -19.26 -18.95 9.37
N LYS A 864 -18.96 -17.87 10.09
CA LYS A 864 -18.39 -16.67 9.49
C LYS A 864 -16.96 -16.49 9.96
N CYS A 865 -16.25 -15.57 9.31
CA CYS A 865 -14.84 -15.32 9.63
C CYS A 865 -14.68 -14.74 11.02
N LEU A 866 -13.66 -15.19 11.73
CA LEU A 866 -13.42 -14.86 13.12
C LEU A 866 -12.34 -13.80 13.24
N THR A 867 -12.39 -13.03 14.32
CA THR A 867 -11.56 -11.84 14.48
C THR A 867 -10.15 -12.19 14.95
N ASP A 868 -9.25 -11.22 14.81
CA ASP A 868 -7.82 -11.45 15.07
C ASP A 868 -7.52 -11.46 16.57
N LYS A 869 -7.78 -10.34 17.25
CA LYS A 869 -7.52 -10.26 18.68
C LYS A 869 -8.44 -11.18 19.47
N GLU A 870 -9.63 -11.47 18.93
CA GLU A 870 -10.51 -12.47 19.51
C GLU A 870 -9.85 -13.85 19.51
N ALA A 871 -9.17 -14.19 18.41
CA ALA A 871 -8.44 -15.46 18.38
C ALA A 871 -7.17 -15.42 19.21
N LYS A 872 -6.57 -14.23 19.35
CA LYS A 872 -5.26 -14.13 19.98
C LYS A 872 -5.29 -14.40 21.49
N GLU A 873 -6.44 -14.22 22.14
CA GLU A 873 -6.50 -14.41 23.59
C GLU A 873 -6.43 -15.88 23.97
N ALA A 874 -6.84 -16.78 23.07
CA ALA A 874 -6.85 -18.20 23.37
C ALA A 874 -5.44 -18.78 23.29
N GLY A 875 -5.32 -20.09 23.41
CA GLY A 875 -4.01 -20.73 23.43
C GLY A 875 -3.44 -20.96 22.04
N PHE A 876 -2.53 -20.10 21.62
CA PHE A 876 -1.87 -20.23 20.34
C PHE A 876 -0.45 -19.70 20.47
N CYS A 877 0.49 -20.36 19.78
CA CYS A 877 1.85 -19.84 19.74
C CYS A 877 1.89 -18.55 18.93
N ILE A 878 2.73 -17.63 19.39
CA ILE A 878 2.80 -16.29 18.80
C ILE A 878 3.96 -16.27 17.81
N LYS A 879 3.83 -15.44 16.78
CA LYS A 879 4.94 -15.22 15.86
C LYS A 879 5.72 -13.97 16.26
N LYS A 880 6.96 -13.89 15.76
CA LYS A 880 7.83 -12.78 16.11
C LYS A 880 7.33 -11.46 15.55
N ASN A 881 6.84 -11.47 14.31
CA ASN A 881 6.60 -10.23 13.57
C ASN A 881 5.12 -9.82 13.53
N GLU A 882 4.25 -10.69 13.02
CA GLU A 882 2.88 -10.30 12.71
C GLU A 882 1.89 -10.72 13.80
N LEU A 883 2.30 -11.64 14.68
CA LEU A 883 1.67 -12.00 15.97
C LEU A 883 0.42 -12.87 15.88
N VAL A 884 0.23 -13.65 14.82
CA VAL A 884 -0.67 -14.80 14.87
C VAL A 884 -0.07 -15.91 14.03
N MET A 885 -0.29 -17.15 14.45
CA MET A 885 0.34 -18.29 13.81
C MET A 885 -0.30 -18.61 12.45
N SER A 886 0.21 -19.65 11.81
CA SER A 886 -0.28 -20.12 10.51
C SER A 886 -0.46 -21.62 10.55
N LEU A 887 -1.58 -22.10 10.02
CA LEU A 887 -1.91 -23.52 10.01
C LEU A 887 -2.22 -23.95 8.58
N LYS A 888 -1.70 -25.10 8.18
CA LYS A 888 -1.97 -25.62 6.85
C LYS A 888 -3.42 -26.10 6.76
N CYS A 889 -4.09 -25.73 5.69
CA CYS A 889 -5.48 -26.05 5.47
C CYS A 889 -5.65 -26.76 4.13
N SER A 890 -6.67 -27.60 4.04
CA SER A 890 -6.94 -28.32 2.81
C SER A 890 -7.93 -27.54 1.94
N ILE A 891 -7.65 -27.50 0.64
CA ILE A 891 -8.50 -26.79 -0.31
C ILE A 891 -9.48 -27.78 -0.92
N LYS A 892 -10.76 -27.43 -0.91
CA LYS A 892 -11.82 -28.33 -1.33
C LYS A 892 -12.47 -27.84 -2.63
N GLY A 893 -13.15 -28.78 -3.29
CA GLY A 893 -13.94 -28.49 -4.47
C GLY A 893 -13.19 -28.54 -5.78
N THR A 894 -11.86 -28.54 -5.75
CA THR A 894 -11.05 -28.53 -6.97
C THR A 894 -9.95 -29.57 -6.85
N GLY A 895 -9.40 -29.95 -8.01
CA GLY A 895 -8.41 -31.00 -8.06
C GLY A 895 -7.34 -30.77 -9.12
N PRO A 896 -6.68 -31.85 -9.54
CA PRO A 896 -5.59 -31.72 -10.53
C PRO A 896 -6.05 -31.33 -11.93
N GLY A 897 -7.36 -31.24 -12.20
CA GLY A 897 -7.84 -30.90 -13.52
C GLY A 897 -7.60 -29.46 -13.93
N GLN A 898 -7.20 -28.59 -13.00
CA GLN A 898 -6.95 -27.19 -13.30
C GLN A 898 -5.53 -26.74 -12.96
N MET A 899 -4.73 -27.56 -12.30
CA MET A 899 -3.49 -27.09 -11.71
C MET A 899 -2.41 -26.93 -12.78
N ILE A 900 -1.82 -25.74 -12.84
CA ILE A 900 -0.68 -25.46 -13.70
C ILE A 900 0.51 -25.13 -12.82
N ARG A 901 1.70 -25.25 -13.41
CA ARG A 901 2.95 -25.09 -12.67
C ARG A 901 3.84 -24.12 -13.42
N ILE A 902 3.93 -22.89 -12.94
CA ILE A 902 4.80 -21.86 -13.50
C ILE A 902 5.95 -21.69 -12.53
N ASN A 903 7.15 -22.07 -12.97
CA ASN A 903 8.37 -22.21 -12.14
C ASN A 903 8.01 -23.12 -10.96
N ASN A 904 8.32 -22.76 -9.73
CA ASN A 904 8.02 -23.62 -8.59
C ASN A 904 6.56 -23.55 -8.18
N ASN A 905 5.86 -22.46 -8.45
CA ASN A 905 4.54 -22.24 -7.91
C ASN A 905 3.49 -23.03 -8.68
N VAL A 906 2.42 -23.42 -7.97
CA VAL A 906 1.28 -24.11 -8.56
C VAL A 906 0.04 -23.28 -8.28
N PHE A 907 -0.69 -22.92 -9.33
CA PHE A 907 -1.84 -22.04 -9.20
C PHE A 907 -3.13 -22.78 -9.57
N LYS A 908 -4.24 -22.10 -9.31
CA LYS A 908 -5.57 -22.55 -9.70
C LYS A 908 -6.00 -21.79 -10.95
N THR A 909 -6.24 -22.51 -12.04
CA THR A 909 -6.64 -21.87 -13.28
C THR A 909 -8.09 -21.41 -13.19
N ASN A 910 -8.32 -20.13 -13.47
CA ASN A 910 -9.66 -19.56 -13.34
C ASN A 910 -10.57 -19.95 -14.51
N VAL A 911 -10.02 -20.10 -15.71
CA VAL A 911 -10.86 -20.33 -16.89
C VAL A 911 -11.19 -21.79 -17.12
N HIS A 912 -10.44 -22.72 -16.53
CA HIS A 912 -10.64 -24.19 -16.63
C HIS A 912 -10.57 -24.56 -18.11
N ASN A 913 -11.54 -25.29 -18.66
CA ASN A 913 -11.56 -25.56 -20.08
C ASN A 913 -11.97 -24.31 -20.86
N VAL A 914 -11.38 -24.14 -22.04
CA VAL A 914 -11.67 -22.98 -22.86
C VAL A 914 -12.99 -23.22 -23.60
N ARG A 931 -11.61 -29.03 -23.99
CA ARG A 931 -10.51 -28.36 -24.67
C ARG A 931 -9.80 -27.39 -23.72
N LYS A 932 -8.48 -27.56 -23.60
CA LYS A 932 -7.69 -26.73 -22.69
C LYS A 932 -7.40 -25.37 -23.31
N ASN A 933 -7.11 -24.41 -22.45
CA ASN A 933 -6.81 -23.06 -22.91
C ASN A 933 -5.45 -23.06 -23.62
N PRO A 934 -5.36 -22.44 -24.80
CA PRO A 934 -4.08 -22.49 -25.53
C PRO A 934 -2.96 -21.71 -24.87
N ARG A 935 -3.27 -20.66 -24.11
CA ARG A 935 -2.22 -19.88 -23.47
C ARG A 935 -1.56 -20.65 -22.33
N LEU A 936 -2.32 -21.50 -21.64
CA LEU A 936 -1.83 -22.24 -20.48
C LEU A 936 -1.58 -23.71 -20.79
N SER A 937 -1.66 -24.12 -22.06
CA SER A 937 -1.65 -25.53 -22.42
C SER A 937 -0.32 -26.22 -22.12
N LYS A 938 0.78 -25.47 -22.05
CA LYS A 938 2.08 -26.08 -21.83
C LYS A 938 2.38 -26.29 -20.35
N HIS A 939 1.72 -25.56 -19.46
CA HIS A 939 2.04 -25.59 -18.04
C HIS A 939 1.17 -26.53 -17.22
N PHE A 940 0.24 -27.27 -17.83
CA PHE A 940 -0.61 -28.17 -17.07
C PHE A 940 0.20 -29.31 -16.47
N ILE A 941 -0.35 -29.89 -15.39
CA ILE A 941 0.38 -30.91 -14.64
C ILE A 941 0.34 -32.25 -15.35
N GLU A 942 -0.85 -32.68 -15.77
CA GLU A 942 -0.99 -34.00 -16.39
C GLU A 942 -0.45 -34.01 -17.83
#